data_5KZK
#
_entry.id   5KZK
#
_cell.length_a   65.820
_cell.length_b   84.302
_cell.length_c   112.045
_cell.angle_alpha   90.00
_cell.angle_beta   90.00
_cell.angle_gamma   90.00
#
_symmetry.space_group_name_H-M   'P 21 21 21'
#
loop_
_entity.id
_entity.type
_entity.pdbx_description
1 polymer 'Probable RNA methyltransferase, TrmH family'
2 non-polymer 'COBALT (II) ION'
3 non-polymer 'SULFATE ION'
4 water water
#
_entity_poly.entity_id   1
_entity_poly.type   'polypeptide(L)'
_entity_poly.pdbx_seq_one_letter_code
;(MSE)INDRSDHGTGTARVGQVKEVTSLTNPIVKDIRALTQKKHRDETRSF(MSE)AEGLKLVIDALDLGWKIKTLVYAK
AAKGKPQVEQVAAKTVARGGLVLEVNEKVISTITRRDNPQ(MSE)VVGIFEQRYSPLRDIHPQEGETYVALDRVRDPGNL
GTIIRTADAAGASGIILVGETTDPFSLETVRAT(MSE)GSVFAIPIARANTEDFIRWQRAAGVQVVATHLAGSVDYRTID
YKSKPVVLL(MSE)GNEQAGLPVELAREAGALARIPQAGRADSLNLAIATGI(MSE)LFEARRHLLSLDGGR
;
_entity_poly.pdbx_strand_id   A,B
#
# COMPACT_ATOMS: atom_id res chain seq x y z
N GLY A 16 -34.89 7.69 -18.47
CA GLY A 16 -33.51 7.50 -19.03
C GLY A 16 -33.47 7.33 -20.54
N GLN A 17 -32.27 7.25 -21.11
CA GLN A 17 -32.12 7.11 -22.58
C GLN A 17 -30.69 6.72 -23.01
N VAL A 18 -30.57 6.16 -24.21
CA VAL A 18 -29.25 5.91 -24.86
C VAL A 18 -28.87 7.13 -25.74
N LYS A 19 -27.56 7.33 -25.98
CA LYS A 19 -27.05 8.44 -26.80
C LYS A 19 -25.57 8.21 -27.14
N GLU A 20 -25.13 8.50 -28.37
CA GLU A 20 -23.75 8.23 -28.81
C GLU A 20 -22.85 9.50 -28.76
N VAL A 21 -21.57 9.32 -28.44
CA VAL A 21 -20.64 10.45 -28.37
C VAL A 21 -19.18 10.04 -28.73
N THR A 22 -18.51 10.88 -29.52
CA THR A 22 -17.12 10.69 -29.93
C THR A 22 -16.23 11.96 -29.74
N SER A 23 -16.82 13.08 -29.31
CA SER A 23 -16.13 14.36 -29.11
C SER A 23 -15.86 14.59 -27.61
N LEU A 24 -14.59 14.81 -27.27
CA LEU A 24 -14.21 15.30 -25.93
C LEU A 24 -14.92 16.59 -25.51
N THR A 25 -15.21 17.47 -26.47
CA THR A 25 -15.90 18.73 -26.22
C THR A 25 -17.38 18.59 -25.90
N ASN A 26 -17.95 17.39 -26.06
CA ASN A 26 -19.37 17.20 -25.85
C ASN A 26 -19.77 17.60 -24.45
N PRO A 27 -20.81 18.43 -24.28
CA PRO A 27 -21.26 18.71 -22.90
C PRO A 27 -21.19 17.56 -21.88
N ILE A 28 -21.70 16.39 -22.24
CA ILE A 28 -21.93 15.32 -21.25
C ILE A 28 -20.60 14.70 -20.78
N VAL A 29 -19.64 14.65 -21.68
CA VAL A 29 -18.32 14.14 -21.41
C VAL A 29 -17.55 15.07 -20.47
N LYS A 30 -17.70 16.38 -20.66
CA LYS A 30 -17.07 17.40 -19.80
CA LYS A 30 -17.00 17.33 -19.78
C LYS A 30 -17.51 17.21 -18.33
N ASP A 31 -18.74 16.80 -18.15
CA ASP A 31 -19.32 16.64 -16.83
C ASP A 31 -18.71 15.41 -16.05
N ILE A 32 -18.36 14.38 -16.81
CA ILE A 32 -17.87 13.14 -16.28
C ILE A 32 -16.42 13.31 -15.89
N ARG A 33 -15.64 13.86 -16.81
CA ARG A 33 -14.26 14.21 -16.56
C ARG A 33 -14.09 15.15 -15.41
N ALA A 34 -15.08 16.02 -15.19
CA ALA A 34 -15.04 16.91 -14.04
C ALA A 34 -15.11 16.12 -12.71
N LEU A 35 -15.46 14.82 -12.72
CA LEU A 35 -15.51 13.98 -11.48
C LEU A 35 -14.14 13.54 -10.91
N THR A 36 -13.08 13.75 -11.71
CA THR A 36 -11.71 13.87 -11.24
C THR A 36 -11.59 14.85 -10.08
N GLN A 37 -12.42 15.90 -10.05
CA GLN A 37 -12.27 16.89 -9.01
C GLN A 37 -13.27 16.72 -7.90
N LYS A 38 -12.76 16.91 -6.70
CA LYS A 38 -13.51 16.71 -5.51
C LYS A 38 -14.72 17.62 -5.39
N LYS A 39 -14.56 18.88 -5.77
CA LYS A 39 -15.62 19.86 -5.58
C LYS A 39 -16.81 19.53 -6.53
N HIS A 40 -16.51 19.09 -7.76
CA HIS A 40 -17.54 18.64 -8.67
C HIS A 40 -18.24 17.41 -8.21
N ARG A 41 -17.51 16.44 -7.69
CA ARG A 41 -18.12 15.20 -7.24
C ARG A 41 -19.06 15.49 -6.10
N ASP A 42 -18.68 16.42 -5.21
CA ASP A 42 -19.45 16.74 -4.05
C ASP A 42 -20.76 17.40 -4.40
N GLU A 43 -20.80 18.12 -5.52
CA GLU A 43 -21.99 18.86 -5.87
C GLU A 43 -23.01 17.97 -6.57
N THR A 44 -22.52 17.02 -7.37
CA THR A 44 -23.38 15.96 -8.01
C THR A 44 -23.66 14.77 -7.05
N ARG A 45 -22.98 14.75 -5.89
CA ARG A 45 -22.78 13.54 -5.01
C ARG A 45 -22.52 12.29 -5.83
N SER A 46 -21.68 12.39 -6.86
CA SER A 46 -21.44 11.24 -7.72
C SER A 46 -20.02 10.68 -7.79
N PHE A 47 -19.84 9.52 -8.45
CA PHE A 47 -18.49 8.97 -8.64
C PHE A 47 -18.41 7.88 -9.68
N ALA A 49 -16.79 4.29 -11.29
CA ALA A 49 -16.23 2.96 -11.06
C ALA A 49 -16.05 2.21 -12.39
N GLU A 50 -14.88 1.65 -12.60
CA GLU A 50 -14.55 0.98 -13.85
C GLU A 50 -14.77 -0.51 -13.71
N GLY A 51 -15.10 -1.21 -14.79
CA GLY A 51 -15.35 -2.66 -14.71
C GLY A 51 -16.78 -3.07 -14.93
N LEU A 52 -16.95 -3.91 -15.94
CA LEU A 52 -18.23 -4.54 -16.16
C LEU A 52 -18.70 -5.35 -14.96
N LYS A 53 -17.84 -6.24 -14.47
CA LYS A 53 -18.26 -7.12 -13.36
C LYS A 53 -18.65 -6.26 -12.14
N LEU A 54 -17.74 -5.39 -11.75
CA LEU A 54 -17.95 -4.43 -10.68
C LEU A 54 -19.20 -3.59 -10.78
N VAL A 55 -19.46 -3.09 -11.97
CA VAL A 55 -20.72 -2.41 -12.21
C VAL A 55 -21.88 -3.36 -11.88
N ILE A 56 -21.78 -4.59 -12.35
CA ILE A 56 -22.89 -5.55 -12.09
C ILE A 56 -23.09 -5.82 -10.60
N ASP A 57 -21.99 -6.11 -9.90
CA ASP A 57 -22.03 -6.41 -8.44
C ASP A 57 -22.59 -5.20 -7.65
N ALA A 58 -22.18 -4.00 -8.07
CA ALA A 58 -22.67 -2.78 -7.46
C ALA A 58 -24.16 -2.66 -7.54
N LEU A 59 -24.74 -2.95 -8.69
CA LEU A 59 -26.22 -2.96 -8.83
C LEU A 59 -26.93 -3.95 -7.91
N ASP A 60 -26.41 -5.17 -7.79
CA ASP A 60 -27.00 -6.17 -6.85
C ASP A 60 -26.93 -5.76 -5.38
N LEU A 61 -25.91 -4.95 -5.04
CA LEU A 61 -25.78 -4.40 -3.67
C LEU A 61 -26.57 -3.13 -3.43
N GLY A 62 -27.45 -2.74 -4.35
CA GLY A 62 -28.37 -1.60 -4.14
C GLY A 62 -27.78 -0.24 -4.50
N TRP A 63 -26.65 -0.19 -5.22
CA TRP A 63 -26.09 1.14 -5.58
C TRP A 63 -26.87 1.71 -6.76
N LYS A 64 -27.15 3.02 -6.65
CA LYS A 64 -27.93 3.79 -7.64
C LYS A 64 -26.98 4.28 -8.71
N ILE A 65 -27.27 3.90 -9.95
CA ILE A 65 -26.44 4.25 -11.11
C ILE A 65 -27.04 5.38 -12.00
N LYS A 66 -26.24 6.41 -12.25
CA LYS A 66 -26.69 7.63 -12.93
C LYS A 66 -26.37 7.59 -14.41
N THR A 67 -25.20 7.10 -14.77
CA THR A 67 -24.77 7.02 -16.15
C THR A 67 -23.94 5.74 -16.33
N LEU A 68 -24.22 4.97 -17.39
CA LEU A 68 -23.37 3.85 -17.83
C LEU A 68 -22.63 4.20 -19.14
N VAL A 69 -21.43 3.68 -19.34
CA VAL A 69 -20.59 4.08 -20.45
C VAL A 69 -19.77 2.91 -20.99
N TYR A 70 -19.71 2.72 -22.33
CA TYR A 70 -18.85 1.62 -22.89
C TYR A 70 -18.16 1.77 -24.26
N PRO A 78 -22.70 -8.61 -24.45
CA PRO A 78 -24.03 -9.21 -24.30
C PRO A 78 -24.67 -8.98 -22.91
N GLN A 79 -23.90 -9.27 -21.85
CA GLN A 79 -24.21 -8.80 -20.46
C GLN A 79 -24.31 -7.25 -20.40
N VAL A 80 -23.39 -6.62 -21.12
CA VAL A 80 -23.36 -5.17 -21.38
C VAL A 80 -24.75 -4.58 -21.70
N GLU A 81 -25.60 -5.39 -22.30
CA GLU A 81 -26.83 -4.92 -22.89
C GLU A 81 -27.98 -4.99 -21.83
N GLN A 82 -28.00 -6.04 -21.01
CA GLN A 82 -29.01 -6.14 -19.92
C GLN A 82 -28.74 -5.15 -18.74
N VAL A 83 -27.48 -4.77 -18.58
CA VAL A 83 -27.12 -3.74 -17.60
C VAL A 83 -27.56 -2.36 -18.11
N ALA A 84 -27.27 -2.08 -19.36
CA ALA A 84 -27.81 -0.90 -20.05
C ALA A 84 -29.35 -0.82 -19.91
N ALA A 85 -29.99 -1.99 -20.01
CA ALA A 85 -31.44 -2.11 -19.79
C ALA A 85 -31.83 -1.75 -18.37
N LYS A 86 -31.19 -2.41 -17.40
CA LYS A 86 -31.47 -2.11 -15.99
C LYS A 86 -31.26 -0.61 -15.67
N THR A 87 -30.20 -0.01 -16.26
CA THR A 87 -29.91 1.42 -16.05
C THR A 87 -31.09 2.34 -16.46
N VAL A 88 -31.47 2.27 -17.73
CA VAL A 88 -32.54 3.14 -18.24
C VAL A 88 -33.85 2.94 -17.40
N ALA A 89 -34.15 1.67 -17.07
CA ALA A 89 -35.35 1.30 -16.32
C ALA A 89 -35.51 2.01 -14.96
N ARG A 90 -34.42 2.15 -14.20
CA ARG A 90 -34.46 2.90 -12.91
C ARG A 90 -34.31 4.45 -13.09
N GLY A 91 -33.78 4.92 -14.23
CA GLY A 91 -33.90 6.33 -14.64
C GLY A 91 -32.59 7.10 -14.84
N GLY A 92 -31.76 6.64 -15.78
CA GLY A 92 -30.47 7.28 -16.04
C GLY A 92 -29.92 7.00 -17.42
N LEU A 93 -28.91 7.78 -17.81
CA LEU A 93 -28.39 7.81 -19.18
C LEU A 93 -27.49 6.62 -19.57
N VAL A 94 -27.20 6.45 -20.87
CA VAL A 94 -26.28 5.39 -21.35
C VAL A 94 -25.43 5.83 -22.58
N LEU A 95 -24.14 6.04 -22.42
CA LEU A 95 -23.39 6.62 -23.54
C LEU A 95 -22.46 5.66 -24.23
N GLU A 96 -22.76 5.34 -25.49
CA GLU A 96 -21.85 4.57 -26.36
C GLU A 96 -20.81 5.55 -26.91
N VAL A 97 -19.58 5.09 -27.01
CA VAL A 97 -18.43 5.98 -27.01
C VAL A 97 -17.27 5.35 -27.78
N ASN A 98 -16.29 6.13 -28.23
CA ASN A 98 -15.13 5.53 -28.86
C ASN A 98 -14.04 5.27 -27.85
N GLU A 99 -13.08 4.45 -28.27
CA GLU A 99 -11.88 4.11 -27.48
C GLU A 99 -11.14 5.36 -26.95
N LYS A 100 -11.12 6.43 -27.75
CA LYS A 100 -10.43 7.68 -27.38
C LYS A 100 -11.13 8.46 -26.23
N VAL A 101 -12.45 8.29 -26.08
CA VAL A 101 -13.20 9.02 -25.06
C VAL A 101 -13.07 8.28 -23.74
N ILE A 102 -13.24 6.97 -23.80
CA ILE A 102 -13.25 6.17 -22.59
C ILE A 102 -11.90 6.26 -21.85
N SER A 103 -10.81 6.43 -22.58
CA SER A 103 -9.50 6.44 -21.98
C SER A 103 -9.09 7.84 -21.61
N THR A 104 -9.88 8.81 -22.06
CA THR A 104 -9.77 10.19 -21.66
C THR A 104 -10.37 10.26 -20.26
N ILE A 105 -11.64 9.94 -20.10
CA ILE A 105 -12.33 10.01 -18.81
C ILE A 105 -11.76 9.13 -17.68
N THR A 106 -11.18 8.00 -18.03
CA THR A 106 -10.55 7.10 -17.07
C THR A 106 -9.06 7.31 -16.99
N ARG A 107 -8.51 8.11 -17.92
CA ARG A 107 -7.10 8.55 -17.91
C ARG A 107 -6.08 7.39 -18.02
N ARG A 108 -6.48 6.29 -18.69
CA ARG A 108 -5.56 5.16 -18.94
C ARG A 108 -5.32 5.01 -20.43
N ASP A 109 -4.06 4.84 -20.83
CA ASP A 109 -3.73 4.47 -22.26
C ASP A 109 -4.47 3.20 -22.79
N ASN A 110 -4.67 2.19 -21.93
CA ASN A 110 -5.28 0.88 -22.28
C ASN A 110 -6.40 0.54 -21.30
N PRO A 111 -7.62 0.95 -21.60
CA PRO A 111 -8.67 0.90 -20.59
C PRO A 111 -9.66 -0.28 -20.63
N GLN A 112 -10.62 -0.19 -19.71
CA GLN A 112 -11.70 -1.16 -19.58
C GLN A 112 -12.76 -0.62 -20.49
N VAL A 114 -15.99 -0.74 -19.86
CA VAL A 114 -17.22 -0.31 -19.13
C VAL A 114 -16.94 0.56 -17.88
N VAL A 115 -17.81 1.54 -17.62
CA VAL A 115 -17.62 2.53 -16.55
C VAL A 115 -18.97 3.08 -16.08
N GLY A 116 -19.26 2.96 -14.80
CA GLY A 116 -20.51 3.43 -14.25
C GLY A 116 -20.22 4.64 -13.42
N ILE A 117 -21.25 5.47 -13.30
CA ILE A 117 -21.21 6.70 -12.54
C ILE A 117 -22.35 6.46 -11.60
N PHE A 118 -22.06 6.44 -10.31
CA PHE A 118 -23.05 6.11 -9.31
C PHE A 118 -23.23 7.24 -8.36
N GLU A 119 -24.28 7.13 -7.55
CA GLU A 119 -24.54 8.07 -6.49
C GLU A 119 -23.70 7.66 -5.30
N GLN A 120 -23.08 8.63 -4.61
CA GLN A 120 -22.28 8.35 -3.44
C GLN A 120 -23.23 7.95 -2.31
N ARG A 121 -22.76 7.10 -1.38
CA ARG A 121 -23.52 6.89 -0.11
C ARG A 121 -22.68 6.71 1.14
N TYR A 122 -23.12 7.44 2.14
CA TYR A 122 -22.50 7.44 3.44
C TYR A 122 -23.56 6.96 4.43
N SER A 123 -23.15 6.08 5.32
CA SER A 123 -23.99 5.67 6.39
C SER A 123 -23.87 6.75 7.44
N PRO A 124 -24.99 7.29 7.86
CA PRO A 124 -24.94 8.22 8.97
C PRO A 124 -24.50 7.59 10.27
N LEU A 125 -23.59 8.26 10.98
CA LEU A 125 -22.93 7.69 12.14
C LEU A 125 -23.92 7.30 13.21
N ARG A 126 -24.89 8.14 13.47
CA ARG A 126 -25.88 7.83 14.49
C ARG A 126 -26.87 6.69 14.16
N ASP A 127 -26.85 6.15 12.94
CA ASP A 127 -27.59 4.91 12.62
C ASP A 127 -26.79 3.68 12.78
N ILE A 128 -25.52 3.81 13.17
CA ILE A 128 -24.64 2.67 13.48
C ILE A 128 -24.70 2.37 14.97
N HIS A 129 -25.08 1.13 15.27
CA HIS A 129 -25.20 0.60 16.63
C HIS A 129 -24.49 -0.70 16.69
N PRO A 130 -23.27 -0.70 17.15
CA PRO A 130 -22.44 -1.89 17.14
C PRO A 130 -22.98 -2.96 18.04
N GLN A 131 -22.93 -4.20 17.53
CA GLN A 131 -23.38 -5.41 18.19
C GLN A 131 -22.15 -6.28 18.41
N GLU A 132 -22.29 -7.22 19.35
CA GLU A 132 -21.36 -8.31 19.64
C GLU A 132 -20.76 -8.98 18.38
N GLY A 133 -19.47 -9.26 18.42
CA GLY A 133 -18.73 -9.75 17.27
C GLY A 133 -18.35 -8.76 16.20
N GLU A 134 -18.82 -7.52 16.25
CA GLU A 134 -18.49 -6.51 15.25
C GLU A 134 -17.15 -5.74 15.54
N THR A 135 -16.58 -5.25 14.43
CA THR A 135 -15.39 -4.49 14.33
C THR A 135 -15.60 -3.33 13.34
N TYR A 136 -15.22 -2.14 13.75
CA TYR A 136 -15.19 -0.98 12.91
C TYR A 136 -13.78 -0.42 12.86
N VAL A 137 -13.46 0.35 11.85
CA VAL A 137 -12.14 0.93 11.78
C VAL A 137 -12.46 2.40 11.64
N ALA A 138 -11.88 3.21 12.53
CA ALA A 138 -12.04 4.66 12.42
C ALA A 138 -10.66 5.24 12.10
N LEU A 139 -10.60 6.09 11.09
CA LEU A 139 -9.41 6.69 10.53
C LEU A 139 -9.52 8.19 10.71
N ASP A 140 -8.61 8.69 11.51
CA ASP A 140 -8.47 10.10 11.82
C ASP A 140 -7.64 10.81 10.76
N ARG A 141 -8.26 11.65 9.94
CA ARG A 141 -7.52 12.51 8.96
C ARG A 141 -6.55 11.72 8.03
N VAL A 142 -7.02 10.55 7.55
CA VAL A 142 -6.31 9.73 6.57
C VAL A 142 -6.23 10.58 5.31
N ARG A 143 -5.04 10.69 4.80
CA ARG A 143 -4.72 11.59 3.67
C ARG A 143 -4.32 10.89 2.36
N ASP A 144 -3.75 9.69 2.40
CA ASP A 144 -3.31 8.98 1.22
C ASP A 144 -4.45 8.12 0.61
N PRO A 145 -4.84 8.37 -0.66
CA PRO A 145 -5.90 7.58 -1.32
C PRO A 145 -5.58 6.08 -1.45
N GLY A 146 -4.30 5.74 -1.72
CA GLY A 146 -3.74 4.35 -1.70
C GLY A 146 -4.06 3.70 -0.36
N ASN A 147 -3.61 4.29 0.77
CA ASN A 147 -3.86 3.72 2.08
C ASN A 147 -5.38 3.51 2.30
N LEU A 148 -6.19 4.52 2.01
CA LEU A 148 -7.63 4.51 2.34
C LEU A 148 -8.30 3.41 1.60
N GLY A 149 -7.92 3.24 0.34
CA GLY A 149 -8.54 2.22 -0.47
C GLY A 149 -8.13 0.83 -0.08
N THR A 150 -6.83 0.65 0.20
CA THR A 150 -6.34 -0.62 0.69
C THR A 150 -6.96 -1.04 2.08
N ILE A 151 -7.12 -0.08 2.99
CA ILE A 151 -7.78 -0.33 4.27
C ILE A 151 -9.24 -0.77 4.02
N ILE A 152 -9.93 -0.14 3.11
CA ILE A 152 -11.31 -0.51 2.84
C ILE A 152 -11.44 -1.95 2.36
N ARG A 153 -10.62 -2.27 1.40
CA ARG A 153 -10.53 -3.67 0.97
C ARG A 153 -10.20 -4.65 2.05
N THR A 154 -9.20 -4.32 2.82
CA THR A 154 -8.74 -5.21 3.87
C THR A 154 -9.80 -5.42 4.99
N ALA A 155 -10.47 -4.37 5.34
CA ALA A 155 -11.54 -4.37 6.30
C ALA A 155 -12.68 -5.26 5.86
N ASP A 156 -12.93 -5.28 4.56
CA ASP A 156 -13.95 -6.13 3.91
C ASP A 156 -13.50 -7.55 3.93
N ALA A 157 -12.30 -7.85 3.40
CA ALA A 157 -11.70 -9.18 3.68
C ALA A 157 -11.73 -9.66 5.10
N ALA A 158 -11.41 -8.84 6.09
CA ALA A 158 -11.41 -9.28 7.44
C ALA A 158 -12.83 -9.43 8.06
N GLY A 159 -13.85 -8.82 7.51
CA GLY A 159 -15.20 -8.96 8.04
C GLY A 159 -15.59 -7.81 8.92
N ALA A 160 -14.91 -6.65 8.85
CA ALA A 160 -15.33 -5.48 9.59
C ALA A 160 -16.72 -4.99 9.07
N SER A 161 -17.43 -4.27 9.87
CA SER A 161 -18.80 -3.91 9.57
C SER A 161 -18.84 -2.51 9.09
N GLY A 162 -17.74 -1.77 9.07
CA GLY A 162 -17.82 -0.41 8.73
C GLY A 162 -16.49 0.36 8.83
N ILE A 163 -16.40 1.45 8.07
CA ILE A 163 -15.27 2.35 8.13
C ILE A 163 -15.86 3.67 8.53
N ILE A 164 -15.21 4.37 9.47
CA ILE A 164 -15.65 5.68 9.92
C ILE A 164 -14.53 6.70 9.70
N LEU A 165 -14.75 7.70 8.86
CA LEU A 165 -13.75 8.65 8.53
C LEU A 165 -13.97 9.88 9.44
N VAL A 166 -12.94 10.20 10.22
CA VAL A 166 -13.04 11.21 11.30
C VAL A 166 -12.27 12.45 10.83
N GLY A 167 -12.93 13.60 10.87
CA GLY A 167 -12.40 14.83 10.34
C GLY A 167 -12.18 14.86 8.81
N GLU A 168 -11.16 15.64 8.42
CA GLU A 168 -10.97 15.97 7.02
C GLU A 168 -10.06 14.90 6.49
N THR A 169 -10.56 14.07 5.61
CA THR A 169 -9.78 12.96 5.16
C THR A 169 -9.73 13.07 3.67
N THR A 170 -8.87 12.33 3.06
CA THR A 170 -9.00 12.13 1.64
C THR A 170 -10.36 11.42 1.31
N ASP A 171 -10.82 11.58 0.08
CA ASP A 171 -12.15 11.26 -0.38
C ASP A 171 -12.29 9.82 -0.75
N PRO A 172 -13.09 9.08 0.02
CA PRO A 172 -13.25 7.65 -0.33
C PRO A 172 -13.81 7.34 -1.72
N PHE A 173 -14.46 8.33 -2.34
CA PHE A 173 -15.08 8.15 -3.68
C PHE A 173 -14.29 8.69 -4.85
N SER A 174 -13.05 9.08 -4.62
CA SER A 174 -12.16 9.44 -5.72
C SER A 174 -11.78 8.23 -6.53
N LEU A 175 -11.48 8.50 -7.77
CA LEU A 175 -11.05 7.46 -8.70
C LEU A 175 -9.85 6.62 -8.11
N GLU A 176 -8.84 7.24 -7.59
CA GLU A 176 -7.70 6.49 -7.07
C GLU A 176 -8.07 5.61 -5.86
N THR A 177 -8.86 6.11 -4.91
CA THR A 177 -9.32 5.28 -3.80
C THR A 177 -10.20 4.11 -4.24
N VAL A 178 -11.20 4.38 -5.02
CA VAL A 178 -12.14 3.37 -5.52
C VAL A 178 -11.40 2.20 -6.15
N ARG A 179 -10.46 2.54 -7.04
CA ARG A 179 -9.65 1.52 -7.71
C ARG A 179 -8.91 0.69 -6.74
N ALA A 180 -8.23 1.31 -5.77
CA ALA A 180 -7.52 0.55 -4.73
C ALA A 180 -8.43 -0.28 -3.78
N THR A 181 -9.74 -0.02 -3.73
CA THR A 181 -10.68 -0.92 -3.12
C THR A 181 -10.98 -2.17 -3.86
N GLY A 183 -13.33 -2.90 -5.58
CA GLY A 183 -14.76 -3.19 -5.49
C GLY A 183 -15.31 -3.15 -4.09
N SER A 184 -14.43 -3.13 -3.08
CA SER A 184 -14.88 -3.20 -1.69
C SER A 184 -15.59 -1.92 -1.23
N VAL A 185 -15.41 -0.84 -2.01
CA VAL A 185 -16.15 0.32 -1.73
C VAL A 185 -17.66 0.13 -1.83
N PHE A 186 -18.13 -0.90 -2.54
CA PHE A 186 -19.57 -1.11 -2.70
C PHE A 186 -20.16 -1.95 -1.62
N ALA A 187 -19.28 -2.59 -0.84
CA ALA A 187 -19.58 -3.72 -0.01
C ALA A 187 -19.43 -3.46 1.43
N ILE A 188 -18.64 -2.47 1.89
CA ILE A 188 -18.57 -2.20 3.35
C ILE A 188 -19.07 -0.76 3.56
N PRO A 189 -19.96 -0.52 4.52
CA PRO A 189 -20.42 0.86 4.70
C PRO A 189 -19.31 1.82 5.18
N ILE A 190 -19.42 3.07 4.78
CA ILE A 190 -18.53 4.11 5.17
C ILE A 190 -19.31 5.26 5.74
N ALA A 191 -18.86 5.71 6.89
CA ALA A 191 -19.45 6.84 7.57
C ALA A 191 -18.43 7.93 7.69
N ARG A 192 -18.87 9.20 7.76
CA ARG A 192 -17.99 10.35 8.02
C ARG A 192 -18.47 11.20 9.18
N ALA A 193 -17.55 11.68 9.99
CA ALA A 193 -17.93 12.55 11.06
C ALA A 193 -16.78 13.48 11.45
N ASN A 194 -17.15 14.64 11.98
CA ASN A 194 -16.15 15.54 12.58
C ASN A 194 -15.83 14.87 13.87
N THR A 195 -14.84 15.41 14.52
CA THR A 195 -14.24 14.88 15.71
C THR A 195 -15.15 14.90 16.91
N GLU A 196 -15.97 15.94 17.03
CA GLU A 196 -16.83 16.08 18.18
C GLU A 196 -17.91 14.99 18.13
N ASP A 197 -18.55 14.85 16.97
CA ASP A 197 -19.66 13.87 16.80
C ASP A 197 -19.20 12.45 16.91
N PHE A 198 -17.96 12.23 16.50
CA PHE A 198 -17.37 10.95 16.62
C PHE A 198 -17.18 10.58 18.05
N ILE A 199 -16.60 11.48 18.81
CA ILE A 199 -16.36 11.27 20.25
C ILE A 199 -17.68 10.97 20.97
N ARG A 200 -18.72 11.73 20.66
CA ARG A 200 -20.10 11.54 21.23
C ARG A 200 -20.61 10.23 20.79
N TRP A 201 -20.46 9.88 19.49
CA TRP A 201 -21.02 8.58 19.07
C TRP A 201 -20.34 7.44 19.78
N GLN A 202 -19.03 7.51 19.88
CA GLN A 202 -18.30 6.41 20.48
C GLN A 202 -18.59 6.21 21.96
N ARG A 203 -18.58 7.29 22.72
CA ARG A 203 -19.00 7.27 24.14
C ARG A 203 -20.32 6.57 24.33
N ALA A 204 -21.31 6.85 23.52
CA ALA A 204 -22.67 6.28 23.75
C ALA A 204 -22.85 4.88 23.09
N ALA A 205 -21.90 4.45 22.23
CA ALA A 205 -22.07 3.14 21.49
C ALA A 205 -21.74 1.87 22.24
N GLY A 206 -21.19 1.92 23.43
CA GLY A 206 -20.87 0.69 24.15
C GLY A 206 -19.78 -0.07 23.39
N VAL A 207 -18.69 0.62 23.03
CA VAL A 207 -17.61 0.01 22.26
C VAL A 207 -16.30 -0.04 22.98
N GLN A 208 -15.44 -0.95 22.58
CA GLN A 208 -14.05 -0.97 23.06
C GLN A 208 -13.24 -0.23 22.01
N VAL A 209 -12.69 0.94 22.34
CA VAL A 209 -11.96 1.72 21.39
C VAL A 209 -10.47 1.41 21.53
N VAL A 210 -9.86 0.85 20.49
CA VAL A 210 -8.45 0.44 20.58
C VAL A 210 -7.69 1.34 19.63
N ALA A 211 -6.77 2.13 20.13
CA ALA A 211 -6.19 3.19 19.32
C ALA A 211 -4.75 2.92 19.17
N THR A 212 -4.19 3.07 17.97
CA THR A 212 -2.77 2.90 17.84
C THR A 212 -2.11 4.21 18.04
N HIS A 213 -1.21 4.25 18.97
CA HIS A 213 -0.65 5.48 19.48
C HIS A 213 0.56 5.06 20.29
N LEU A 214 1.73 5.47 19.82
CA LEU A 214 2.98 5.01 20.45
C LEU A 214 3.04 5.35 21.98
N ALA A 215 2.89 6.63 22.34
CA ALA A 215 2.96 7.08 23.81
C ALA A 215 1.88 6.40 24.69
N GLY A 216 2.21 5.63 25.73
CA GLY A 216 1.21 5.08 26.74
C GLY A 216 0.61 3.69 26.45
N SER A 217 1.29 3.01 25.51
CA SER A 217 0.82 1.80 24.79
C SER A 217 1.00 0.47 25.46
N VAL A 218 0.07 -0.48 25.17
CA VAL A 218 0.35 -1.92 25.39
C VAL A 218 0.49 -2.73 24.04
N ASP A 219 1.16 -3.88 24.14
CA ASP A 219 1.29 -4.89 23.12
C ASP A 219 -0.12 -5.19 22.54
N TYR A 220 -0.27 -4.97 21.23
CA TYR A 220 -1.57 -5.24 20.58
C TYR A 220 -2.16 -6.62 20.77
N ARG A 221 -1.33 -7.59 21.00
CA ARG A 221 -1.74 -8.93 21.19
C ARG A 221 -2.31 -9.28 22.60
N THR A 222 -2.12 -8.41 23.60
CA THR A 222 -2.62 -8.63 24.95
C THR A 222 -3.94 -7.94 25.17
N ILE A 223 -4.52 -7.29 24.16
CA ILE A 223 -5.72 -6.49 24.33
C ILE A 223 -6.95 -7.42 24.26
N ASP A 224 -8.02 -7.02 24.97
CA ASP A 224 -9.29 -7.73 25.04
C ASP A 224 -10.16 -7.30 23.83
N TYR A 225 -10.22 -8.16 22.83
CA TYR A 225 -11.01 -7.90 21.67
C TYR A 225 -12.36 -8.59 21.75
N LYS A 226 -12.64 -9.36 22.78
CA LYS A 226 -13.85 -10.22 22.82
C LYS A 226 -15.04 -9.65 23.56
N SER A 227 -14.82 -8.73 24.51
CA SER A 227 -15.87 -8.31 25.46
C SER A 227 -16.96 -7.41 24.89
N LYS A 228 -16.54 -6.58 23.96
CA LYS A 228 -17.38 -5.57 23.39
C LYS A 228 -16.99 -5.41 21.92
N PRO A 229 -17.92 -4.88 21.13
CA PRO A 229 -17.57 -4.52 19.81
C PRO A 229 -16.33 -3.57 19.85
N VAL A 230 -15.45 -3.72 18.86
CA VAL A 230 -14.19 -2.99 18.75
C VAL A 230 -14.31 -1.91 17.71
N VAL A 231 -13.89 -0.68 18.04
CA VAL A 231 -13.56 0.35 17.08
C VAL A 231 -12.09 0.48 17.09
N LEU A 232 -11.44 0.24 15.95
CA LEU A 232 -10.02 0.42 15.89
C LEU A 232 -9.75 1.81 15.43
N LEU A 233 -9.06 2.60 16.26
CA LEU A 233 -8.93 3.98 15.92
C LEU A 233 -7.46 4.16 15.41
N GLY A 235 -4.43 6.60 13.60
CA GLY A 235 -3.98 7.96 13.39
C GLY A 235 -3.51 8.25 11.95
N ASN A 236 -3.65 9.52 11.55
CA ASN A 236 -3.03 10.15 10.40
C ASN A 236 -1.56 9.68 10.21
N GLU A 237 -1.25 9.23 9.01
CA GLU A 237 0.09 8.83 8.54
C GLU A 237 1.27 9.56 9.20
N GLN A 238 1.30 10.88 9.10
CA GLN A 238 2.45 11.66 9.70
C GLN A 238 2.26 12.22 11.14
N ALA A 239 1.17 12.93 11.38
CA ALA A 239 0.84 13.45 12.70
C ALA A 239 0.47 12.38 13.76
N GLY A 240 -0.11 11.24 13.41
CA GLY A 240 -0.65 10.31 14.45
C GLY A 240 -1.90 10.87 15.12
N LEU A 241 -2.43 10.19 16.16
CA LEU A 241 -3.64 10.68 16.85
C LEU A 241 -3.32 11.89 17.72
N PRO A 242 -4.22 12.84 17.77
CA PRO A 242 -4.05 13.86 18.83
C PRO A 242 -4.54 13.36 20.22
N VAL A 243 -4.11 14.08 21.27
CA VAL A 243 -4.40 13.72 22.63
C VAL A 243 -5.89 13.58 22.90
N GLU A 244 -6.76 14.37 22.26
CA GLU A 244 -8.19 14.32 22.58
C GLU A 244 -8.84 13.03 22.07
N LEU A 245 -8.38 12.54 20.92
CA LEU A 245 -8.75 11.22 20.48
C LEU A 245 -8.07 10.17 21.30
N ALA A 246 -6.80 10.33 21.59
CA ALA A 246 -6.12 9.29 22.33
C ALA A 246 -6.73 9.09 23.79
N ARG A 247 -7.22 10.16 24.42
CA ARG A 247 -7.89 10.09 25.75
C ARG A 247 -9.19 9.35 25.70
N GLU A 248 -9.77 9.30 24.51
CA GLU A 248 -11.04 8.62 24.32
C GLU A 248 -10.94 7.06 24.26
N ALA A 249 -9.74 6.53 24.30
CA ALA A 249 -9.53 5.13 24.06
C ALA A 249 -9.64 4.30 25.28
N GLY A 250 -10.21 3.10 25.15
CA GLY A 250 -10.21 2.09 26.21
C GLY A 250 -8.86 1.37 26.28
N ALA A 251 -8.13 1.32 25.16
CA ALA A 251 -6.77 0.82 25.20
C ALA A 251 -5.95 1.37 24.05
N LEU A 252 -4.68 1.55 24.34
CA LEU A 252 -3.72 2.17 23.41
C LEU A 252 -2.88 1.04 22.96
N ALA A 253 -2.78 0.92 21.64
CA ALA A 253 -2.14 -0.25 21.01
C ALA A 253 -0.85 0.10 20.37
N ARG A 254 0.14 -0.77 20.55
CA ARG A 254 1.26 -0.75 19.69
C ARG A 254 1.61 -2.13 19.15
N ILE A 255 2.13 -2.11 17.96
CA ILE A 255 2.71 -3.32 17.37
C ILE A 255 4.25 -3.33 17.56
N PRO A 256 4.79 -4.32 18.29
CA PRO A 256 6.20 -4.35 18.55
C PRO A 256 6.98 -4.62 17.29
N GLN A 257 8.05 -3.90 17.15
CA GLN A 257 8.81 -3.82 15.97
C GLN A 257 10.26 -4.03 16.40
N ALA A 258 11.18 -4.15 15.43
CA ALA A 258 12.61 -4.56 15.70
C ALA A 258 13.51 -3.44 16.26
N GLY A 259 13.16 -2.18 16.01
CA GLY A 259 13.63 -1.05 16.87
C GLY A 259 12.49 -0.52 17.77
N ARG A 260 12.77 0.54 18.54
CA ARG A 260 11.73 1.29 19.27
C ARG A 260 10.86 2.21 18.36
N ALA A 261 11.22 2.31 17.07
CA ALA A 261 10.39 2.90 15.99
C ALA A 261 8.98 2.27 15.81
N ASP A 262 7.97 3.13 15.53
CA ASP A 262 6.79 2.76 14.73
C ASP A 262 6.93 3.26 13.26
N SER A 263 7.38 2.36 12.40
CA SER A 263 7.62 2.71 11.00
C SER A 263 6.78 1.82 10.07
N LEU A 264 5.53 1.56 10.46
CA LEU A 264 4.59 0.80 9.65
C LEU A 264 3.68 1.74 8.84
N ASN A 265 3.58 1.46 7.53
CA ASN A 265 2.62 2.07 6.70
C ASN A 265 1.26 1.84 7.37
N LEU A 266 0.42 2.82 7.17
CA LEU A 266 -0.83 2.93 7.88
C LEU A 266 -1.76 1.77 7.50
N ALA A 267 -1.77 1.45 6.18
CA ALA A 267 -2.51 0.26 5.65
C ALA A 267 -2.03 -1.05 6.22
N ILE A 268 -0.72 -1.22 6.30
CA ILE A 268 -0.15 -2.39 6.85
C ILE A 268 -0.51 -2.51 8.35
N ALA A 269 -0.37 -1.46 9.15
CA ALA A 269 -0.65 -1.51 10.56
C ALA A 269 -2.12 -1.75 10.71
N THR A 270 -2.91 -1.17 9.88
CA THR A 270 -4.33 -1.35 10.00
C THR A 270 -4.77 -2.79 9.73
N GLY A 271 -4.18 -3.41 8.71
CA GLY A 271 -4.33 -4.81 8.45
C GLY A 271 -3.94 -5.76 9.56
N ILE A 272 -2.77 -5.46 10.17
N ILE A 272 -2.78 -5.52 10.18
CA ILE A 272 -2.30 -6.23 11.30
CA ILE A 272 -2.35 -6.35 11.29
C ILE A 272 -3.31 -6.19 12.45
C ILE A 272 -3.30 -6.21 12.50
N LEU A 274 -6.65 -5.37 12.28
CA LEU A 274 -7.87 -6.05 11.94
C LEU A 274 -7.74 -7.53 12.15
N PHE A 275 -6.65 -8.11 11.69
CA PHE A 275 -6.42 -9.57 11.81
C PHE A 275 -6.15 -10.08 13.26
N GLU A 276 -5.71 -9.23 14.14
CA GLU A 276 -5.62 -9.56 15.52
C GLU A 276 -6.98 -9.37 16.21
N ALA A 277 -7.68 -8.28 15.91
CA ALA A 277 -8.93 -8.01 16.58
C ALA A 277 -9.98 -9.03 16.25
N ARG A 278 -9.92 -9.63 15.04
CA ARG A 278 -10.82 -10.63 14.55
C ARG A 278 -10.19 -12.00 14.49
N ARG A 279 -9.06 -12.13 15.17
CA ARG A 279 -8.35 -13.35 15.16
C ARG A 279 -9.22 -14.52 15.68
N HIS A 280 -9.88 -14.30 16.81
CA HIS A 280 -10.78 -15.28 17.41
C HIS A 280 -12.07 -15.51 16.63
N LEU A 281 -12.34 -14.77 15.57
CA LEU A 281 -13.55 -14.86 14.76
C LEU A 281 -13.40 -15.42 13.29
N LEU A 282 -12.18 -15.56 12.83
CA LEU A 282 -11.87 -15.94 11.47
C LEU A 282 -11.32 -17.33 11.56
N SER A 283 -11.85 -18.25 10.77
CA SER A 283 -11.36 -19.65 10.73
C SER A 283 -11.50 -20.19 9.30
N LEU A 284 -10.86 -21.31 9.06
CA LEU A 284 -10.75 -21.82 7.67
C LEU A 284 -11.97 -22.66 7.23
N GLY B 16 38.53 19.34 -8.77
CA GLY B 16 37.59 19.96 -7.78
C GLY B 16 36.32 19.11 -7.68
N GLN B 17 35.99 18.57 -6.50
CA GLN B 17 34.78 17.65 -6.30
C GLN B 17 33.43 18.40 -6.03
N VAL B 18 33.52 19.66 -5.60
CA VAL B 18 32.34 20.52 -5.48
C VAL B 18 32.24 21.41 -6.74
N LYS B 19 31.01 21.60 -7.24
CA LYS B 19 30.79 22.16 -8.59
C LYS B 19 29.36 22.69 -8.76
N GLU B 20 29.20 23.88 -9.37
CA GLU B 20 27.88 24.52 -9.53
C GLU B 20 27.35 24.27 -10.94
N VAL B 21 26.02 24.05 -11.06
CA VAL B 21 25.39 23.90 -12.37
C VAL B 21 24.11 24.75 -12.47
N THR B 22 23.98 25.43 -13.60
CA THR B 22 22.79 26.24 -13.89
C THR B 22 21.90 25.52 -14.87
N SER B 23 22.50 25.18 -16.03
CA SER B 23 21.74 24.72 -17.19
C SER B 23 21.11 23.33 -17.01
N LEU B 24 19.83 23.21 -17.33
CA LEU B 24 19.17 21.89 -17.45
C LEU B 24 19.75 21.08 -18.63
N THR B 25 20.28 21.81 -19.61
CA THR B 25 21.05 21.24 -20.71
C THR B 25 22.40 20.64 -20.27
N ASN B 26 22.97 21.15 -19.17
CA ASN B 26 24.29 20.70 -18.68
C ASN B 26 24.38 19.17 -18.68
N PRO B 27 25.33 18.58 -19.46
CA PRO B 27 25.52 17.14 -19.47
C PRO B 27 25.26 16.37 -18.15
N ILE B 28 25.84 16.88 -17.05
CA ILE B 28 25.82 16.21 -15.74
C ILE B 28 24.40 16.00 -15.17
N VAL B 29 23.53 16.98 -15.43
CA VAL B 29 22.08 16.92 -15.16
C VAL B 29 21.33 15.96 -16.10
N LYS B 30 21.70 15.86 -17.37
CA LYS B 30 21.12 14.81 -18.23
C LYS B 30 21.45 13.37 -17.77
N ASP B 31 22.67 13.13 -17.23
CA ASP B 31 23.05 11.81 -16.70
C ASP B 31 22.30 11.43 -15.45
N ILE B 32 22.05 12.38 -14.54
CA ILE B 32 21.20 12.13 -13.36
C ILE B 32 19.76 11.73 -13.78
N ARG B 33 19.22 12.39 -14.79
CA ARG B 33 17.87 12.14 -15.32
C ARG B 33 17.78 10.77 -16.03
N ALA B 34 18.91 10.34 -16.62
CA ALA B 34 19.05 8.97 -17.16
C ALA B 34 18.90 7.78 -16.17
N LEU B 35 18.92 8.07 -14.87
CA LEU B 35 18.60 7.08 -13.85
C LEU B 35 17.11 6.81 -13.76
N THR B 36 16.28 7.48 -14.55
CA THR B 36 14.90 7.00 -14.82
C THR B 36 14.87 5.77 -15.74
N GLN B 37 15.87 5.62 -16.59
CA GLN B 37 15.91 4.45 -17.47
C GLN B 37 16.60 3.33 -16.71
N LYS B 38 15.99 2.16 -16.77
CA LYS B 38 16.52 0.96 -16.16
C LYS B 38 17.92 0.53 -16.66
N LYS B 39 18.17 0.77 -17.95
CA LYS B 39 19.38 0.31 -18.63
C LYS B 39 20.61 1.09 -18.14
N HIS B 40 20.43 2.39 -17.92
CA HIS B 40 21.49 3.28 -17.41
C HIS B 40 21.77 3.00 -15.91
N ARG B 41 20.65 2.80 -15.17
CA ARG B 41 20.72 2.31 -13.78
C ARG B 41 21.50 1.04 -13.70
N ASP B 42 21.22 0.09 -14.57
CA ASP B 42 21.96 -1.20 -14.53
C ASP B 42 23.45 -1.12 -14.89
N GLU B 43 23.79 -0.36 -15.93
CA GLU B 43 25.20 -0.31 -16.43
C GLU B 43 26.10 0.57 -15.49
N THR B 44 25.55 1.66 -14.92
CA THR B 44 26.23 2.42 -13.87
C THR B 44 26.12 1.77 -12.49
N ARG B 45 25.29 0.71 -12.34
CA ARG B 45 24.99 0.18 -11.01
C ARG B 45 24.54 1.27 -10.05
N SER B 46 23.68 2.16 -10.43
CA SER B 46 23.43 3.18 -9.44
C SER B 46 22.01 3.51 -9.29
N PHE B 47 21.69 4.34 -8.30
CA PHE B 47 20.30 4.77 -8.19
C PHE B 47 20.10 6.02 -7.39
N ALA B 49 18.05 8.26 -4.43
CA ALA B 49 17.26 8.34 -3.20
C ALA B 49 17.13 9.79 -2.77
N GLU B 50 15.92 10.26 -2.51
CA GLU B 50 15.65 11.65 -2.12
C GLU B 50 15.49 11.84 -0.64
N GLY B 51 16.21 12.81 -0.06
CA GLY B 51 15.93 13.32 1.32
C GLY B 51 17.19 13.41 2.12
N LEU B 52 17.34 14.51 2.87
CA LEU B 52 18.55 14.73 3.68
C LEU B 52 18.73 13.68 4.81
N LYS B 53 17.65 13.43 5.56
CA LYS B 53 17.65 12.37 6.59
C LYS B 53 17.95 11.00 5.94
N LEU B 54 17.31 10.64 4.83
CA LEU B 54 17.64 9.39 4.08
C LEU B 54 19.13 9.27 3.61
N VAL B 55 19.64 10.33 2.98
CA VAL B 55 21.04 10.36 2.56
C VAL B 55 21.93 10.15 3.77
N ILE B 56 21.56 10.75 4.89
CA ILE B 56 22.37 10.65 6.12
C ILE B 56 22.42 9.22 6.63
N ASP B 57 21.25 8.62 6.71
CA ASP B 57 21.11 7.25 7.17
C ASP B 57 21.81 6.27 6.22
N ALA B 58 21.70 6.50 4.90
CA ALA B 58 22.45 5.71 3.91
C ALA B 58 23.95 5.78 4.18
N LEU B 59 24.48 7.01 4.43
CA LEU B 59 25.93 7.16 4.62
C LEU B 59 26.40 6.48 5.89
N ASP B 60 25.61 6.62 6.93
CA ASP B 60 25.85 5.89 8.19
C ASP B 60 25.76 4.38 8.10
N LEU B 61 24.90 3.88 7.19
CA LEU B 61 24.75 2.43 6.96
C LEU B 61 25.78 1.89 6.00
N GLY B 62 26.47 2.79 5.30
CA GLY B 62 27.78 2.48 4.67
C GLY B 62 27.61 2.28 3.17
N TRP B 63 26.61 2.94 2.59
CA TRP B 63 26.38 2.82 1.17
C TRP B 63 27.36 3.79 0.43
N LYS B 64 27.76 3.46 -0.78
CA LYS B 64 28.69 4.29 -1.48
C LYS B 64 27.89 5.30 -2.19
N ILE B 65 28.09 6.54 -1.85
CA ILE B 65 27.51 7.65 -2.61
C ILE B 65 28.37 8.11 -3.78
N LYS B 66 27.79 8.19 -4.97
CA LYS B 66 28.48 8.68 -6.16
C LYS B 66 28.29 10.18 -6.27
N THR B 67 27.07 10.64 -6.00
CA THR B 67 26.71 11.99 -6.21
C THR B 67 25.72 12.55 -5.21
N LEU B 68 26.05 13.74 -4.68
CA LEU B 68 25.16 14.48 -3.80
C LEU B 68 24.74 15.75 -4.49
N VAL B 69 23.43 15.94 -4.60
CA VAL B 69 22.82 17.13 -5.23
C VAL B 69 21.97 17.96 -4.25
N TYR B 70 22.26 19.27 -4.15
CA TYR B 70 21.34 20.23 -3.46
C TYR B 70 21.44 21.65 -4.05
N PRO B 78 23.93 23.48 6.91
CA PRO B 78 24.14 23.03 8.30
C PRO B 78 24.49 21.52 8.40
N GLN B 79 23.48 20.62 8.42
CA GLN B 79 23.73 19.19 8.21
C GLN B 79 24.11 18.91 6.74
N VAL B 80 23.40 19.52 5.79
CA VAL B 80 23.90 19.60 4.39
C VAL B 80 25.42 19.78 4.30
N GLU B 81 26.00 20.69 5.04
CA GLU B 81 27.48 20.83 5.03
C GLU B 81 28.24 19.57 5.49
N GLN B 82 27.62 18.86 6.44
CA GLN B 82 28.19 17.64 7.05
C GLN B 82 28.13 16.49 6.02
N VAL B 83 27.01 16.43 5.30
CA VAL B 83 26.78 15.39 4.33
C VAL B 83 27.72 15.59 3.16
N ALA B 84 27.80 16.83 2.72
CA ALA B 84 28.70 17.23 1.64
C ALA B 84 30.11 16.79 1.89
N ALA B 85 30.57 16.84 3.14
CA ALA B 85 31.96 16.45 3.50
C ALA B 85 32.19 14.96 3.67
N LYS B 86 31.20 14.23 4.20
CA LYS B 86 31.16 12.75 4.09
C LYS B 86 31.27 12.39 2.59
N THR B 87 30.55 13.07 1.73
CA THR B 87 30.55 12.76 0.30
C THR B 87 31.91 12.98 -0.38
N VAL B 88 32.55 14.14 -0.17
CA VAL B 88 33.90 14.33 -0.71
C VAL B 88 34.85 13.30 -0.07
N ALA B 89 34.76 13.07 1.24
CA ALA B 89 35.69 12.12 1.92
C ALA B 89 35.58 10.63 1.59
N ARG B 90 34.47 10.28 0.98
CA ARG B 90 34.22 8.92 0.55
C ARG B 90 34.32 8.72 -0.97
N GLY B 91 34.50 9.80 -1.73
CA GLY B 91 34.83 9.69 -3.12
C GLY B 91 33.87 10.36 -4.04
N GLY B 92 32.73 10.77 -3.49
CA GLY B 92 31.68 11.24 -4.33
C GLY B 92 31.85 12.63 -4.82
N LEU B 93 30.97 13.00 -5.74
CA LEU B 93 30.87 14.35 -6.27
C LEU B 93 29.70 15.17 -5.70
N VAL B 94 29.95 16.46 -5.42
CA VAL B 94 28.91 17.33 -4.89
C VAL B 94 28.50 18.35 -5.93
N LEU B 95 27.20 18.60 -6.00
CA LEU B 95 26.63 19.53 -6.95
C LEU B 95 25.64 20.46 -6.29
N GLU B 96 26.04 21.73 -6.25
CA GLU B 96 25.18 22.81 -5.79
C GLU B 96 24.38 23.27 -7.02
N VAL B 97 23.06 23.43 -6.89
CA VAL B 97 22.17 23.67 -8.06
C VAL B 97 20.90 24.51 -7.77
N ASN B 98 20.36 25.21 -8.78
CA ASN B 98 19.06 25.91 -8.61
C ASN B 98 17.90 24.95 -8.33
N GLU B 99 16.89 25.43 -7.59
CA GLU B 99 15.70 24.64 -7.23
C GLU B 99 14.95 24.14 -8.46
N LYS B 100 15.08 24.84 -9.60
CA LYS B 100 14.60 24.35 -10.91
C LYS B 100 15.24 23.00 -11.30
N VAL B 101 16.57 22.95 -11.25
CA VAL B 101 17.36 21.72 -11.50
C VAL B 101 16.89 20.53 -10.63
N ILE B 102 16.78 20.75 -9.32
CA ILE B 102 16.38 19.70 -8.38
C ILE B 102 14.99 19.13 -8.72
N SER B 103 14.07 20.01 -9.13
CA SER B 103 12.70 19.63 -9.47
C SER B 103 12.62 18.81 -10.76
N THR B 104 13.55 19.08 -11.69
CA THR B 104 13.57 18.43 -13.00
C THR B 104 14.15 17.01 -12.96
N ILE B 105 15.11 16.75 -12.07
CA ILE B 105 15.71 15.41 -11.92
C ILE B 105 14.75 14.49 -11.18
N THR B 106 14.12 15.02 -10.13
CA THR B 106 13.12 14.29 -9.35
C THR B 106 11.85 13.87 -10.15
N ARG B 107 11.19 14.86 -10.78
CA ARG B 107 9.83 14.77 -11.36
C ARG B 107 8.80 14.77 -10.23
N ARG B 108 8.98 15.68 -9.28
CA ARG B 108 8.00 15.83 -8.22
C ARG B 108 7.87 17.33 -8.00
N ASP B 109 6.62 17.79 -7.94
CA ASP B 109 6.28 19.07 -7.35
C ASP B 109 6.74 19.09 -5.88
N ASN B 110 7.29 20.22 -5.46
CA ASN B 110 7.63 20.47 -4.04
C ASN B 110 8.61 19.42 -3.47
N PRO B 111 9.74 19.18 -4.18
CA PRO B 111 10.60 18.03 -3.85
C PRO B 111 11.47 18.25 -2.59
N GLN B 112 12.20 17.22 -2.13
CA GLN B 112 13.13 17.40 -0.99
C GLN B 112 14.29 18.23 -1.55
N VAL B 114 17.52 17.77 -1.01
CA VAL B 114 18.77 17.00 -1.14
C VAL B 114 18.49 15.68 -1.80
N VAL B 115 19.39 15.29 -2.71
CA VAL B 115 19.24 14.06 -3.45
C VAL B 115 20.59 13.40 -3.58
N GLY B 116 20.60 12.09 -3.28
CA GLY B 116 21.79 11.25 -3.30
C GLY B 116 21.69 10.20 -4.39
N ILE B 117 22.80 9.97 -5.06
CA ILE B 117 22.93 8.95 -6.03
C ILE B 117 23.93 7.94 -5.47
N PHE B 118 23.49 6.69 -5.32
CA PHE B 118 24.23 5.66 -4.64
C PHE B 118 24.53 4.50 -5.54
N GLU B 119 25.46 3.65 -5.13
CA GLU B 119 25.73 2.40 -5.79
C GLU B 119 24.67 1.39 -5.26
N GLN B 120 24.12 0.62 -6.21
CA GLN B 120 23.33 -0.58 -5.90
C GLN B 120 24.19 -1.65 -5.23
N ARG B 121 23.55 -2.40 -4.36
CA ARG B 121 24.17 -3.48 -3.62
C ARG B 121 23.12 -4.65 -3.57
N TYR B 122 23.46 -5.74 -4.17
CA TYR B 122 22.81 -6.95 -3.89
C TYR B 122 23.71 -7.81 -3.06
N SER B 123 23.08 -8.55 -2.13
CA SER B 123 23.75 -9.67 -1.49
C SER B 123 23.63 -10.90 -2.38
N PRO B 124 24.75 -11.61 -2.66
CA PRO B 124 24.58 -12.89 -3.35
C PRO B 124 23.85 -13.91 -2.45
N LEU B 125 22.92 -14.63 -3.05
CA LEU B 125 22.10 -15.61 -2.36
C LEU B 125 22.98 -16.71 -1.67
N ARG B 126 23.98 -17.20 -2.39
CA ARG B 126 24.82 -18.27 -1.91
C ARG B 126 25.50 -17.89 -0.61
N ASP B 127 25.77 -16.60 -0.38
CA ASP B 127 26.34 -16.11 0.89
C ASP B 127 25.34 -15.92 2.06
N ILE B 128 24.09 -16.26 1.90
CA ILE B 128 23.14 -16.16 3.01
C ILE B 128 22.98 -17.56 3.55
N HIS B 129 23.30 -17.71 4.83
CA HIS B 129 23.17 -18.94 5.57
C HIS B 129 22.18 -18.68 6.67
N PRO B 130 20.96 -19.03 6.45
CA PRO B 130 20.01 -18.66 7.49
C PRO B 130 20.29 -19.34 8.81
N GLN B 131 20.00 -18.69 9.95
CA GLN B 131 20.17 -19.22 11.30
C GLN B 131 18.89 -19.08 12.13
N GLU B 132 18.90 -19.80 13.26
CA GLU B 132 17.74 -19.95 14.16
C GLU B 132 17.31 -18.55 14.57
N GLY B 133 16.01 -18.27 14.62
CA GLY B 133 15.46 -16.92 14.85
C GLY B 133 15.36 -15.95 13.65
N GLU B 134 15.93 -16.28 12.48
CA GLU B 134 15.86 -15.47 11.26
C GLU B 134 14.69 -15.82 10.36
N THR B 135 14.17 -14.78 9.71
CA THR B 135 13.09 -14.87 8.77
C THR B 135 13.51 -14.10 7.56
N TYR B 136 13.30 -14.68 6.39
CA TYR B 136 13.47 -14.03 5.13
C TYR B 136 12.18 -14.00 4.39
N VAL B 137 12.01 -12.99 3.57
CA VAL B 137 10.90 -12.86 2.62
C VAL B 137 11.37 -13.11 1.18
N ALA B 138 10.79 -14.09 0.52
CA ALA B 138 11.04 -14.31 -0.93
C ALA B 138 9.80 -13.89 -1.74
N LEU B 139 9.98 -13.03 -2.73
CA LEU B 139 8.93 -12.57 -3.57
C LEU B 139 9.10 -13.15 -4.98
N ASP B 140 8.08 -13.84 -5.41
CA ASP B 140 8.00 -14.48 -6.74
C ASP B 140 7.46 -13.51 -7.76
N ARG B 141 8.36 -12.94 -8.59
CA ARG B 141 7.95 -12.08 -9.70
C ARG B 141 6.98 -11.03 -9.22
N VAL B 142 7.27 -10.38 -8.12
CA VAL B 142 6.52 -9.19 -7.76
C VAL B 142 6.67 -8.06 -8.79
N ARG B 143 5.58 -7.43 -9.16
CA ARG B 143 5.57 -6.50 -10.24
C ARG B 143 5.22 -5.09 -9.93
N ASP B 144 4.51 -4.86 -8.84
CA ASP B 144 4.11 -3.55 -8.51
C ASP B 144 5.21 -2.90 -7.60
N PRO B 145 5.74 -1.70 -8.00
CA PRO B 145 6.74 -1.00 -7.26
C PRO B 145 6.35 -0.58 -5.86
N GLY B 146 5.14 -0.19 -5.64
CA GLY B 146 4.63 0.19 -4.32
C GLY B 146 4.47 -0.97 -3.35
N ASN B 147 3.91 -2.08 -3.80
CA ASN B 147 4.01 -3.37 -3.08
C ASN B 147 5.43 -3.79 -2.67
N LEU B 148 6.38 -3.83 -3.64
CA LEU B 148 7.76 -4.21 -3.35
C LEU B 148 8.32 -3.31 -2.25
N GLY B 149 8.03 -2.03 -2.37
CA GLY B 149 8.66 -1.00 -1.50
C GLY B 149 8.06 -1.16 -0.09
N THR B 150 6.75 -1.31 0.05
CA THR B 150 6.07 -1.44 1.37
C THR B 150 6.46 -2.77 1.98
N ILE B 151 6.66 -3.79 1.17
CA ILE B 151 7.13 -5.08 1.73
C ILE B 151 8.57 -4.94 2.32
N ILE B 152 9.45 -4.28 1.61
CA ILE B 152 10.82 -4.01 2.12
C ILE B 152 10.79 -3.25 3.42
N ARG B 153 9.95 -2.23 3.48
CA ARG B 153 9.79 -1.49 4.68
C ARG B 153 9.19 -2.28 5.81
N THR B 154 8.16 -3.04 5.56
CA THR B 154 7.58 -3.96 6.56
C THR B 154 8.49 -5.05 7.02
N ALA B 155 9.24 -5.69 6.14
CA ALA B 155 10.16 -6.70 6.58
C ALA B 155 11.26 -6.14 7.46
N ASP B 156 11.66 -4.93 7.14
CA ASP B 156 12.62 -4.20 7.99
C ASP B 156 12.05 -3.97 9.38
N ALA B 157 10.86 -3.36 9.48
CA ALA B 157 10.18 -3.15 10.79
C ALA B 157 9.98 -4.43 11.58
N ALA B 158 9.73 -5.57 10.93
CA ALA B 158 9.47 -6.84 11.63
C ALA B 158 10.71 -7.57 12.08
N GLY B 159 11.89 -7.11 11.65
CA GLY B 159 13.13 -7.78 12.00
C GLY B 159 13.49 -8.88 11.04
N ALA B 160 12.97 -8.90 9.81
CA ALA B 160 13.39 -9.95 8.83
C ALA B 160 14.86 -9.71 8.48
N SER B 161 15.61 -10.73 8.12
CA SER B 161 17.06 -10.55 7.80
C SER B 161 17.40 -10.31 6.31
N GLY B 162 16.42 -10.49 5.41
CA GLY B 162 16.69 -10.37 3.97
C GLY B 162 15.44 -10.44 3.18
N ILE B 163 15.49 -9.79 2.00
CA ILE B 163 14.49 -9.92 0.97
C ILE B 163 15.13 -10.65 -0.21
N ILE B 164 14.39 -11.63 -0.73
CA ILE B 164 14.84 -12.45 -1.87
C ILE B 164 13.88 -12.29 -3.08
N LEU B 165 14.33 -11.61 -4.14
CA LEU B 165 13.53 -11.40 -5.34
C LEU B 165 13.73 -12.55 -6.26
N VAL B 166 12.68 -13.30 -6.49
CA VAL B 166 12.76 -14.51 -7.25
C VAL B 166 12.14 -14.33 -8.64
N GLY B 167 12.87 -14.73 -9.68
CA GLY B 167 12.40 -14.50 -11.09
C GLY B 167 12.50 -13.05 -11.55
N GLU B 168 11.78 -12.71 -12.62
CA GLU B 168 11.77 -11.33 -13.11
C GLU B 168 10.86 -10.51 -12.23
N THR B 169 11.40 -9.46 -11.67
CA THR B 169 10.60 -8.65 -10.75
C THR B 169 10.74 -7.24 -11.14
N THR B 170 9.89 -6.40 -10.63
CA THR B 170 10.17 -4.98 -10.67
C THR B 170 11.53 -4.64 -9.94
N ASP B 171 12.15 -3.57 -10.34
CA ASP B 171 13.50 -3.21 -9.83
C ASP B 171 13.41 -2.60 -8.43
N PRO B 172 14.05 -3.20 -7.39
CA PRO B 172 14.02 -2.55 -6.11
C PRO B 172 14.66 -1.19 -6.02
N PHE B 173 15.57 -0.88 -6.97
CA PHE B 173 16.29 0.37 -6.98
C PHE B 173 15.68 1.41 -7.92
N SER B 174 14.49 1.18 -8.44
CA SER B 174 13.78 2.24 -9.16
C SER B 174 13.41 3.30 -8.18
N LEU B 175 13.15 4.47 -8.70
CA LEU B 175 12.75 5.59 -7.87
C LEU B 175 11.42 5.36 -7.06
N GLU B 176 10.46 4.71 -7.70
CA GLU B 176 9.19 4.47 -7.11
C GLU B 176 9.29 3.45 -5.96
N THR B 177 10.10 2.40 -6.16
CA THR B 177 10.31 1.43 -5.07
C THR B 177 11.07 2.06 -3.94
N VAL B 178 12.12 2.82 -4.25
CA VAL B 178 12.95 3.37 -3.21
C VAL B 178 12.10 4.25 -2.34
N ARG B 179 11.48 5.24 -2.94
CA ARG B 179 10.40 6.02 -2.26
C ARG B 179 9.52 5.21 -1.34
N ALA B 180 8.88 4.18 -1.83
CA ALA B 180 7.90 3.49 -0.96
C ALA B 180 8.60 2.80 0.20
N THR B 181 9.92 2.57 0.10
CA THR B 181 10.60 1.96 1.25
C THR B 181 10.74 2.89 2.45
N GLY B 183 13.33 4.61 3.04
CA GLY B 183 14.72 4.48 3.54
C GLY B 183 15.13 3.07 3.94
N SER B 184 14.11 2.19 4.12
CA SER B 184 14.37 0.83 4.40
C SER B 184 15.12 0.08 3.30
N VAL B 185 15.14 0.60 2.07
CA VAL B 185 15.99 -0.01 1.02
C VAL B 185 17.47 -0.07 1.48
N PHE B 186 17.88 0.83 2.36
CA PHE B 186 19.24 0.84 2.90
C PHE B 186 19.50 -0.10 4.06
N ALA B 187 18.45 -0.61 4.69
CA ALA B 187 18.58 -1.24 5.98
C ALA B 187 18.50 -2.75 5.98
N ILE B 188 17.88 -3.37 4.96
CA ILE B 188 17.69 -4.79 4.91
C ILE B 188 18.27 -5.27 3.61
N PRO B 189 19.14 -6.29 3.64
CA PRO B 189 19.71 -6.85 2.43
C PRO B 189 18.69 -7.39 1.41
N ILE B 190 19.02 -7.15 0.16
CA ILE B 190 18.28 -7.61 -0.98
C ILE B 190 19.12 -8.53 -1.88
N ALA B 191 18.56 -9.69 -2.14
CA ALA B 191 19.11 -10.68 -3.03
C ALA B 191 18.18 -10.98 -4.18
N ARG B 192 18.74 -11.42 -5.27
CA ARG B 192 17.94 -11.77 -6.46
C ARG B 192 18.43 -13.07 -7.05
N ALA B 193 17.53 -13.88 -7.58
CA ALA B 193 17.87 -15.21 -8.06
C ALA B 193 16.80 -15.64 -9.01
N ASN B 194 17.18 -16.41 -10.01
CA ASN B 194 16.18 -17.11 -10.84
C ASN B 194 15.67 -18.25 -9.98
N THR B 195 14.57 -18.83 -10.42
CA THR B 195 13.79 -19.82 -9.68
C THR B 195 14.58 -21.00 -9.31
N GLU B 196 15.48 -21.33 -10.20
CA GLU B 196 16.29 -22.44 -10.07
C GLU B 196 17.44 -22.29 -9.10
N ASP B 197 18.13 -21.16 -9.12
CA ASP B 197 19.12 -20.85 -8.06
C ASP B 197 18.44 -20.69 -6.69
N PHE B 198 17.23 -20.19 -6.64
CA PHE B 198 16.53 -20.15 -5.37
C PHE B 198 16.25 -21.50 -4.75
N ILE B 199 15.87 -22.45 -5.62
CA ILE B 199 15.47 -23.79 -5.21
C ILE B 199 16.71 -24.48 -4.83
N ARG B 200 17.71 -24.36 -5.66
CA ARG B 200 19.00 -24.89 -5.24
C ARG B 200 19.40 -24.33 -3.82
N TRP B 201 19.43 -23.00 -3.64
CA TRP B 201 19.81 -22.40 -2.34
C TRP B 201 18.95 -22.89 -1.20
N GLN B 202 17.69 -22.85 -1.43
CA GLN B 202 16.74 -23.18 -0.41
C GLN B 202 16.85 -24.61 0.07
N ARG B 203 17.04 -25.51 -0.88
CA ARG B 203 17.24 -26.95 -0.59
C ARG B 203 18.46 -27.23 0.27
N ALA B 204 19.54 -26.44 0.12
CA ALA B 204 20.78 -26.61 0.91
C ALA B 204 20.89 -25.77 2.22
N ALA B 205 19.91 -24.93 2.51
CA ALA B 205 20.06 -23.86 3.48
C ALA B 205 19.52 -24.19 4.85
N GLY B 206 18.73 -25.23 4.99
CA GLY B 206 18.24 -25.60 6.31
C GLY B 206 16.99 -24.82 6.72
N VAL B 207 16.11 -24.52 5.77
CA VAL B 207 14.98 -23.61 6.05
C VAL B 207 13.60 -24.25 5.95
N GLN B 208 12.64 -23.63 6.58
CA GLN B 208 11.27 -24.00 6.47
C GLN B 208 10.71 -22.95 5.52
N VAL B 209 10.31 -23.29 4.31
CA VAL B 209 9.71 -22.41 3.36
C VAL B 209 8.21 -22.49 3.48
N VAL B 210 7.58 -21.35 3.70
CA VAL B 210 6.19 -21.24 3.94
C VAL B 210 5.72 -20.37 2.83
N ALA B 211 4.91 -20.96 1.96
CA ALA B 211 4.49 -20.34 0.74
C ALA B 211 2.97 -20.07 0.79
N THR B 212 2.55 -18.85 0.38
CA THR B 212 1.12 -18.51 0.32
C THR B 212 0.59 -19.01 -0.98
N HIS B 213 -0.31 -19.96 -0.89
CA HIS B 213 -0.77 -20.70 -2.01
C HIS B 213 -2.02 -21.42 -1.56
N LEU B 214 -3.07 -21.31 -2.35
CA LEU B 214 -4.40 -21.73 -1.91
C LEU B 214 -4.64 -23.27 -1.84
N ALA B 215 -4.37 -23.93 -2.95
CA ALA B 215 -4.44 -25.39 -3.03
C ALA B 215 -3.38 -26.11 -2.15
N GLY B 216 -3.85 -26.97 -1.27
CA GLY B 216 -3.11 -27.72 -0.30
C GLY B 216 -2.79 -26.94 0.99
N SER B 217 -3.37 -25.73 1.16
CA SER B 217 -2.95 -24.80 2.24
C SER B 217 -3.53 -25.13 3.60
N VAL B 218 -2.89 -24.66 4.65
CA VAL B 218 -3.40 -24.70 6.02
C VAL B 218 -3.51 -23.22 6.52
N ASP B 219 -4.28 -23.06 7.56
CA ASP B 219 -4.37 -21.85 8.29
C ASP B 219 -2.97 -21.40 8.73
N TYR B 220 -2.56 -20.21 8.27
CA TYR B 220 -1.23 -19.63 8.59
C TYR B 220 -0.86 -19.62 10.09
N ARG B 221 -1.90 -19.55 10.91
CA ARG B 221 -1.75 -19.56 12.34
C ARG B 221 -1.44 -20.94 12.99
N THR B 222 -1.49 -22.03 12.24
CA THR B 222 -1.23 -23.36 12.81
C THR B 222 0.13 -23.86 12.33
N ILE B 223 0.86 -23.07 11.54
CA ILE B 223 2.15 -23.58 10.99
C ILE B 223 3.26 -23.42 12.02
N ASP B 224 4.31 -24.22 11.87
CA ASP B 224 5.45 -24.24 12.76
C ASP B 224 6.52 -23.24 12.29
N TYR B 225 6.64 -22.15 13.02
CA TYR B 225 7.51 -21.10 12.67
C TYR B 225 8.69 -21.10 13.50
N LYS B 226 8.75 -22.04 14.45
CA LYS B 226 9.84 -22.14 15.44
C LYS B 226 10.99 -23.08 15.15
N SER B 227 10.75 -24.21 14.48
CA SER B 227 11.78 -25.27 14.38
C SER B 227 12.94 -24.89 13.49
N LYS B 228 12.71 -24.09 12.47
CA LYS B 228 13.77 -23.77 11.51
C LYS B 228 13.67 -22.34 11.17
N PRO B 229 14.77 -21.72 10.74
CA PRO B 229 14.61 -20.40 10.08
C PRO B 229 13.60 -20.44 8.91
N VAL B 230 12.74 -19.44 8.82
CA VAL B 230 11.63 -19.44 7.94
C VAL B 230 11.92 -18.53 6.74
N VAL B 231 11.49 -18.97 5.55
CA VAL B 231 11.47 -18.14 4.36
C VAL B 231 10.03 -18.00 3.97
N LEU B 232 9.46 -16.78 4.03
CA LEU B 232 8.05 -16.60 3.60
C LEU B 232 8.08 -16.41 2.09
N LEU B 233 7.39 -17.25 1.35
CA LEU B 233 7.39 -17.17 -0.13
C LEU B 233 6.03 -16.73 -0.58
N GLY B 235 3.52 -15.46 -3.52
CA GLY B 235 3.24 -15.62 -4.94
C GLY B 235 3.01 -14.30 -5.68
N ASN B 236 3.28 -14.34 -6.99
CA ASN B 236 2.93 -13.22 -7.87
C ASN B 236 1.44 -12.81 -7.66
N GLU B 237 1.19 -11.51 -7.76
CA GLU B 237 -0.12 -10.89 -7.41
C GLU B 237 -1.38 -11.53 -8.14
N GLN B 238 -1.20 -12.07 -9.34
CA GLN B 238 -2.36 -12.65 -10.09
C GLN B 238 -2.21 -14.10 -10.55
N ALA B 239 -1.03 -14.48 -11.01
CA ALA B 239 -0.74 -15.85 -11.40
C ALA B 239 -0.54 -16.79 -10.15
N GLY B 240 -0.20 -16.22 -8.98
CA GLY B 240 0.38 -17.01 -7.85
C GLY B 240 1.61 -17.90 -8.22
N LEU B 241 1.94 -18.86 -7.34
CA LEU B 241 3.22 -19.54 -7.39
C LEU B 241 3.25 -20.59 -8.48
N PRO B 242 4.36 -20.65 -9.26
CA PRO B 242 4.46 -21.80 -10.21
C PRO B 242 4.69 -23.07 -9.46
N VAL B 243 4.34 -24.20 -10.08
CA VAL B 243 4.41 -25.50 -9.48
C VAL B 243 5.78 -25.85 -8.92
N GLU B 244 6.82 -25.48 -9.63
CA GLU B 244 8.22 -25.72 -9.22
C GLU B 244 8.50 -25.15 -7.80
N LEU B 245 8.00 -23.95 -7.50
CA LEU B 245 8.18 -23.38 -6.18
C LEU B 245 7.24 -23.94 -5.15
N ALA B 246 5.97 -24.04 -5.47
CA ALA B 246 4.95 -24.57 -4.50
C ALA B 246 5.30 -25.95 -3.95
N ARG B 247 5.87 -26.79 -4.80
CA ARG B 247 6.24 -28.19 -4.54
C ARG B 247 7.38 -28.30 -3.56
N GLU B 248 8.30 -27.35 -3.62
CA GLU B 248 9.43 -27.29 -2.71
C GLU B 248 9.07 -26.75 -1.30
N ALA B 249 7.96 -26.04 -1.21
CA ALA B 249 7.59 -25.43 0.05
C ALA B 249 7.38 -26.47 1.14
N GLY B 250 7.87 -26.25 2.33
CA GLY B 250 7.57 -27.14 3.44
C GLY B 250 6.15 -26.98 3.96
N ALA B 251 5.58 -25.76 3.88
CA ALA B 251 4.18 -25.64 4.15
C ALA B 251 3.57 -24.63 3.24
N LEU B 252 2.30 -24.82 2.94
CA LEU B 252 1.47 -23.94 2.18
C LEU B 252 0.48 -23.28 3.14
N ALA B 253 0.48 -21.94 3.12
CA ALA B 253 -0.31 -21.16 4.05
C ALA B 253 -1.42 -20.39 3.38
N ARG B 254 -2.40 -20.15 4.19
CA ARG B 254 -3.41 -19.25 3.80
C ARG B 254 -4.00 -18.46 5.00
N ILE B 255 -4.50 -17.30 4.71
CA ILE B 255 -5.12 -16.40 5.67
C ILE B 255 -6.64 -16.44 5.59
N PRO B 256 -7.31 -16.94 6.64
CA PRO B 256 -8.79 -17.05 6.61
C PRO B 256 -9.33 -15.69 6.50
N GLN B 257 -10.30 -15.52 5.67
CA GLN B 257 -10.92 -14.25 5.38
C GLN B 257 -12.46 -14.43 5.55
N ALA B 258 -13.26 -13.35 5.64
CA ALA B 258 -14.72 -13.46 5.53
C ALA B 258 -15.09 -13.47 4.01
N GLY B 259 -15.72 -14.57 3.56
CA GLY B 259 -16.01 -14.79 2.11
C GLY B 259 -14.81 -14.94 1.17
N ASP B 262 -10.34 -15.23 -1.43
CA ASP B 262 -8.90 -14.96 -1.21
C ASP B 262 -8.36 -13.71 -1.99
N SER B 263 -8.19 -12.58 -1.33
CA SER B 263 -7.97 -11.37 -2.10
C SER B 263 -7.34 -10.19 -1.29
N LEU B 264 -6.39 -10.50 -0.44
CA LEU B 264 -5.61 -9.45 0.25
C LEU B 264 -4.62 -8.83 -0.71
N ASN B 265 -4.42 -7.53 -0.65
CA ASN B 265 -3.20 -6.94 -1.33
C ASN B 265 -1.95 -7.73 -0.88
N LEU B 266 -1.05 -8.02 -1.83
CA LEU B 266 0.23 -8.70 -1.58
C LEU B 266 1.02 -8.17 -0.36
N ALA B 267 1.17 -6.89 -0.27
CA ALA B 267 1.88 -6.31 0.80
C ALA B 267 1.14 -6.46 2.14
N ILE B 268 -0.22 -6.36 2.17
CA ILE B 268 -0.94 -6.55 3.47
C ILE B 268 -0.74 -7.96 3.89
N ALA B 269 -0.86 -8.85 2.92
CA ALA B 269 -0.78 -10.29 3.22
C ALA B 269 0.61 -10.64 3.69
N THR B 270 1.63 -10.04 3.06
CA THR B 270 2.98 -10.25 3.51
C THR B 270 3.18 -9.70 4.90
N GLY B 271 2.62 -8.55 5.25
CA GLY B 271 2.79 -8.01 6.60
C GLY B 271 2.18 -8.93 7.67
N ILE B 272 0.99 -9.44 7.33
CA ILE B 272 0.32 -10.36 8.23
C ILE B 272 1.13 -11.63 8.39
N LEU B 274 4.40 -11.85 8.03
CA LEU B 274 5.64 -11.59 8.74
C LEU B 274 5.37 -11.50 10.26
N PHE B 275 4.32 -10.84 10.62
CA PHE B 275 4.03 -10.67 12.04
C PHE B 275 3.47 -11.90 12.70
N GLU B 276 3.12 -12.98 11.96
CA GLU B 276 2.81 -14.25 12.59
C GLU B 276 4.04 -15.15 12.69
N ALA B 277 4.83 -15.22 11.62
CA ALA B 277 6.11 -15.91 11.68
C ALA B 277 6.98 -15.41 12.77
N ARG B 278 6.83 -14.16 13.13
CA ARG B 278 7.77 -13.54 14.11
C ARG B 278 7.08 -13.27 15.41
N ARG B 279 5.90 -13.87 15.62
CA ARG B 279 4.98 -13.58 16.69
C ARG B 279 5.70 -13.90 18.00
N HIS B 280 6.27 -15.10 18.07
CA HIS B 280 7.13 -15.56 19.18
C HIS B 280 8.48 -14.85 19.41
N LEU B 281 8.93 -13.96 18.54
CA LEU B 281 10.19 -13.27 18.70
C LEU B 281 10.08 -11.74 18.88
N LEU B 282 8.88 -11.19 18.75
CA LEU B 282 8.67 -9.75 18.98
C LEU B 282 7.90 -9.45 20.33
N SER B 283 8.35 -8.44 21.08
CA SER B 283 7.76 -8.03 22.40
C SER B 283 8.19 -6.60 22.75
#